data_5O7U
#
_entry.id   5O7U
#
_cell.length_a   129.152
_cell.length_b   129.152
_cell.length_c   129.152
_cell.angle_alpha   90.00
_cell.angle_beta   90.00
_cell.angle_gamma   90.00
#
_symmetry.space_group_name_H-M   'F 2 3'
#
loop_
_entity.id
_entity.type
_entity.pdbx_description
1 polymer 'Putative fucose-binding lectin protein'
2 branched alpha-L-fucopyranose-(1-3)-[beta-D-galactopyranose-(1-4)]2-acetamido-2-deoxy-beta-D-glucopyranose
3 branched alpha-L-fucopyranose-(1-3)-[beta-D-galactopyranose-(1-4)]2-acetamido-2-deoxy-beta-D-glucopyranose-(1-3)-alpha-D-galactopyranose
4 branched alpha-L-fucopyranose-(1-3)-2-acetamido-2-deoxy-beta-D-glucopyranose
5 branched alpha-L-fucopyranose-(1-3)-[beta-D-galactopyranose-(1-4)]2-acetamido-2-deoxy-beta-D-glucopyranose-(1-3)-beta-D-galactopyranose
6 non-polymer 'MAGNESIUM ION'
7 non-polymer 'CALCIUM ION'
8 water water
#
_entity_poly.entity_id   1
_entity_poly.type   'polypeptide(L)'
_entity_poly.pdbx_seq_one_letter_code
;SSVQTAATS(F7W)GTVPSIRVYTANNGKITERC(F7W)DGKG(F7W)YTGAFNEPGDNVSVTS(F7W)LVGSAIHIRVY
ASTGTTTTE(F7W)C(F7W)DGNG(F7W)TKGAYTATN
;
_entity_poly.pdbx_strand_id   A,B
#
# COMPACT_ATOMS: atom_id res chain seq x y z
N SER A 2 -13.89 20.93 -15.96
N SER A 2 -13.93 20.97 -15.95
CA SER A 2 -12.61 21.30 -15.34
CA SER A 2 -12.63 21.28 -15.31
C SER A 2 -12.20 20.23 -14.31
C SER A 2 -12.21 20.19 -14.34
N VAL A 3 -10.91 20.09 -14.12
CA VAL A 3 -10.38 19.19 -13.09
C VAL A 3 -10.83 19.67 -11.70
N GLN A 4 -10.71 18.76 -10.74
CA GLN A 4 -11.15 19.02 -9.35
C GLN A 4 -9.98 18.70 -8.42
N THR A 5 -9.65 19.62 -7.50
CA THR A 5 -8.50 19.44 -6.65
C THR A 5 -8.83 19.42 -5.16
N ALA A 6 -7.86 18.95 -4.39
CA ALA A 6 -7.90 18.95 -2.94
C ALA A 6 -6.50 19.16 -2.44
N ALA A 7 -6.29 19.86 -1.35
CA ALA A 7 -4.95 20.22 -0.88
C ALA A 7 -4.80 20.05 0.61
N THR A 8 -3.60 19.68 1.05
CA THR A 8 -3.24 19.65 2.46
C THR A 8 -1.80 20.12 2.62
N SER A 9 -1.43 20.48 3.84
CA SER A 9 -0.09 20.96 4.10
C SER A 9 0.26 20.69 5.56
N GLY A 11 3.59 21.36 8.77
CA GLY A 11 4.84 21.96 9.22
C GLY A 11 5.01 23.38 8.75
N THR A 12 6.24 23.86 8.87
CA THR A 12 6.55 25.27 8.58
C THR A 12 7.34 25.46 7.31
N VAL A 13 7.79 24.38 6.67
CA VAL A 13 8.56 24.53 5.43
C VAL A 13 7.76 25.23 4.33
N PRO A 14 6.53 24.84 4.03
CA PRO A 14 5.81 23.63 4.46
C PRO A 14 6.04 22.49 3.47
N SER A 15 5.49 21.32 3.81
CA SER A 15 5.16 20.34 2.78
C SER A 15 3.72 20.55 2.37
N ILE A 16 3.44 20.44 1.07
CA ILE A 16 2.09 20.58 0.52
C ILE A 16 1.85 19.37 -0.40
N ARG A 17 0.63 18.84 -0.38
CA ARG A 17 0.20 17.83 -1.33
C ARG A 17 -1.09 18.30 -1.95
N VAL A 18 -1.17 18.26 -3.28
CA VAL A 18 -2.36 18.63 -4.04
C VAL A 18 -2.75 17.43 -4.87
N TYR A 19 -4.01 17.03 -4.76
CA TYR A 19 -4.57 15.89 -5.49
C TYR A 19 -5.53 16.40 -6.53
N THR A 20 -5.46 15.85 -7.76
CA THR A 20 -6.29 16.31 -8.86
C THR A 20 -7.01 15.14 -9.49
N ALA A 21 -8.34 15.23 -9.54
CA ALA A 21 -9.18 14.27 -10.25
C ALA A 21 -9.42 14.80 -11.67
N ASN A 22 -9.07 13.96 -12.65
CA ASN A 22 -9.22 14.30 -14.06
C ASN A 22 -9.51 13.02 -14.81
N ASN A 23 -10.62 12.99 -15.52
N ASN A 23 -10.60 12.98 -15.56
CA ASN A 23 -10.97 11.86 -16.38
CA ASN A 23 -10.92 11.81 -16.39
C ASN A 23 -10.92 10.52 -15.64
C ASN A 23 -10.92 10.49 -15.63
N GLY A 24 -11.41 10.53 -14.40
CA GLY A 24 -11.53 9.32 -13.61
C GLY A 24 -10.30 8.85 -12.88
N LYS A 25 -9.23 9.63 -12.92
CA LYS A 25 -7.98 9.31 -12.23
C LYS A 25 -7.55 10.46 -11.36
N ILE A 26 -6.96 10.12 -10.23
CA ILE A 26 -6.41 11.10 -9.32
C ILE A 26 -4.91 10.99 -9.32
N THR A 27 -4.25 12.13 -9.52
CA THR A 27 -2.80 12.26 -9.41
C THR A 27 -2.44 13.20 -8.28
N GLU A 28 -1.19 13.16 -7.87
CA GLU A 28 -0.68 13.86 -6.70
C GLU A 28 0.51 14.69 -7.09
N ARG A 29 0.55 15.91 -6.56
CA ARG A 29 1.69 16.83 -6.71
C ARG A 29 2.18 17.24 -5.36
N CYS A 30 3.51 17.37 -5.22
CA CYS A 30 4.17 17.46 -3.93
C CYS A 30 5.17 18.58 -3.91
N ASP A 32 8.09 19.92 -1.00
CA ASP A 32 8.78 19.79 0.27
C ASP A 32 9.82 20.89 0.42
N GLY A 33 9.64 22.02 -0.26
CA GLY A 33 10.51 23.17 -0.13
C GLY A 33 11.41 23.43 -1.31
N LYS A 34 11.48 22.48 -2.26
CA LYS A 34 12.57 22.47 -3.27
C LYS A 34 12.07 22.37 -4.69
N GLY A 35 10.77 22.42 -4.93
CA GLY A 35 10.21 22.17 -6.25
C GLY A 35 9.01 21.27 -6.18
N TYR A 37 6.86 18.04 -7.56
CA TYR A 37 7.04 16.77 -8.23
C TYR A 37 5.79 15.94 -8.12
N THR A 38 5.61 15.04 -9.06
CA THR A 38 4.49 14.11 -9.06
C THR A 38 4.76 12.99 -8.07
N GLY A 39 3.80 12.80 -7.15
CA GLY A 39 3.93 11.84 -6.08
C GLY A 39 3.55 10.43 -6.48
N ALA A 40 3.73 9.55 -5.53
CA ALA A 40 3.42 8.13 -5.75
C ALA A 40 1.92 7.85 -5.82
N PHE A 41 1.07 8.72 -5.31
CA PHE A 41 -0.36 8.43 -5.29
C PHE A 41 -0.98 8.56 -6.69
N ASN A 42 -1.57 7.49 -7.19
N ASN A 42 -1.57 7.49 -7.19
CA ASN A 42 -2.22 7.51 -8.48
CA ASN A 42 -2.23 7.51 -8.50
C ASN A 42 -3.28 6.41 -8.42
C ASN A 42 -3.28 6.42 -8.44
N GLU A 43 -4.54 6.81 -8.27
CA GLU A 43 -5.63 5.86 -8.07
C GLU A 43 -6.88 6.38 -8.74
N PRO A 44 -7.83 5.51 -9.01
CA PRO A 44 -9.07 5.96 -9.66
C PRO A 44 -9.91 6.86 -8.76
N GLY A 45 -10.57 7.81 -9.41
CA GLY A 45 -11.56 8.60 -8.75
C GLY A 45 -12.04 9.74 -9.62
N ASP A 46 -13.32 10.04 -9.51
CA ASP A 46 -13.91 11.22 -10.12
C ASP A 46 -13.88 12.44 -9.18
N ASN A 47 -13.74 12.18 -7.89
CA ASN A 47 -13.76 13.22 -6.88
C ASN A 47 -12.74 12.87 -5.81
N VAL A 48 -12.09 13.89 -5.26
CA VAL A 48 -11.09 13.67 -4.21
C VAL A 48 -11.24 14.70 -3.11
N SER A 49 -11.03 14.23 -1.87
CA SER A 49 -10.76 15.11 -0.73
C SER A 49 -9.60 14.57 0.05
N VAL A 50 -9.06 15.39 0.97
CA VAL A 50 -7.87 15.00 1.72
C VAL A 50 -7.85 15.65 3.08
N THR A 51 -7.24 14.95 4.03
CA THR A 51 -6.84 15.55 5.30
C THR A 51 -5.53 14.92 5.74
N SER A 52 -4.83 15.58 6.66
CA SER A 52 -3.57 15.05 7.21
C SER A 52 -3.37 15.54 8.61
N LEU A 54 -0.09 15.35 11.93
CA LEU A 54 1.21 14.93 12.41
C LEU A 54 1.08 14.12 13.69
N VAL A 55 1.95 13.09 13.80
CA VAL A 55 2.22 12.44 15.09
C VAL A 55 3.71 12.69 15.30
N GLY A 56 4.04 13.67 16.15
CA GLY A 56 5.42 14.16 16.24
C GLY A 56 5.81 14.75 14.90
N SER A 57 6.86 14.23 14.29
CA SER A 57 7.33 14.71 13.01
C SER A 57 6.84 13.86 11.83
N ALA A 58 6.04 12.82 12.11
CA ALA A 58 5.58 11.90 11.09
C ALA A 58 4.20 12.31 10.54
N ILE A 59 4.10 12.51 9.22
CA ILE A 59 2.82 12.83 8.60
C ILE A 59 2.02 11.58 8.32
N HIS A 60 0.71 11.75 8.51
CA HIS A 60 -0.29 10.75 8.13
C HIS A 60 -1.31 11.46 7.24
N ILE A 61 -1.57 10.88 6.06
CA ILE A 61 -2.44 11.50 5.07
C ILE A 61 -3.57 10.54 4.75
N ARG A 62 -4.78 11.08 4.62
CA ARG A 62 -5.94 10.28 4.17
C ARG A 62 -6.55 10.96 2.97
N VAL A 63 -6.67 10.22 1.88
CA VAL A 63 -7.25 10.70 0.63
C VAL A 63 -8.52 9.91 0.39
N TYR A 64 -9.63 10.61 0.15
CA TYR A 64 -10.93 9.98 -0.07
C TYR A 64 -11.28 10.13 -1.54
N ALA A 65 -11.25 8.99 -2.25
CA ALA A 65 -11.43 8.96 -3.71
C ALA A 65 -12.80 8.38 -3.99
N SER A 66 -13.64 9.09 -4.74
CA SER A 66 -14.98 8.61 -5.00
C SER A 66 -15.26 8.46 -6.49
N THR A 67 -15.94 7.37 -6.82
CA THR A 67 -16.50 7.08 -8.13
C THR A 67 -17.88 6.48 -7.88
N GLY A 68 -18.89 6.99 -8.56
CA GLY A 68 -20.27 6.56 -8.28
C GLY A 68 -20.61 6.90 -6.82
N THR A 69 -21.12 5.93 -6.08
CA THR A 69 -21.42 6.10 -4.67
C THR A 69 -20.39 5.45 -3.76
N THR A 70 -19.25 5.02 -4.32
CA THR A 70 -18.21 4.35 -3.57
C THR A 70 -17.04 5.29 -3.29
N THR A 71 -16.75 5.42 -2.00
CA THR A 71 -15.59 6.20 -1.59
C THR A 71 -14.56 5.26 -1.02
N THR A 72 -13.36 5.27 -1.61
CA THR A 72 -12.23 4.51 -1.12
C THR A 72 -11.27 5.42 -0.39
N GLU A 73 -10.91 5.06 0.84
CA GLU A 73 -9.91 5.80 1.60
C GLU A 73 -8.55 5.21 1.32
N CYS A 75 -4.39 5.65 2.41
CA CYS A 75 -3.64 6.00 3.61
C CYS A 75 -2.16 6.08 3.34
N ASP A 77 1.11 6.37 5.78
CA ASP A 77 1.61 6.31 7.13
C ASP A 77 3.13 6.03 7.09
N GLY A 78 3.82 6.48 6.05
CA GLY A 78 5.25 6.34 5.92
C GLY A 78 5.72 5.26 4.98
N ASN A 79 4.82 4.38 4.55
CA ASN A 79 5.18 3.12 3.88
C ASN A 79 4.41 2.87 2.61
N GLY A 80 4.19 3.90 1.83
CA GLY A 80 3.46 3.78 0.61
C GLY A 80 1.96 3.91 0.82
N THR A 82 -1.75 2.66 1.13
CA THR A 82 -2.55 1.49 1.47
C THR A 82 -4.02 1.90 1.53
N LYS A 83 -4.91 0.93 1.55
CA LYS A 83 -6.33 1.25 1.69
C LYS A 83 -6.76 1.26 3.13
N GLY A 84 -7.70 2.14 3.42
CA GLY A 84 -8.21 2.29 4.76
C GLY A 84 -9.56 1.63 4.99
N ALA A 85 -9.99 1.67 6.24
CA ALA A 85 -11.21 1.03 6.70
C ALA A 85 -12.46 1.85 6.43
N TYR A 86 -12.35 3.08 5.94
CA TYR A 86 -13.51 3.90 5.69
C TYR A 86 -14.48 3.24 4.71
N THR A 87 -15.77 3.40 5.01
CA THR A 87 -16.82 3.19 4.03
C THR A 87 -17.79 4.38 4.17
N ALA A 88 -18.54 4.66 3.11
CA ALA A 88 -19.46 5.80 3.14
C ALA A 88 -20.67 5.63 4.07
N THR A 89 -21.06 4.38 4.36
CA THR A 89 -22.23 4.08 5.19
C THR A 89 -21.99 2.82 5.99
N ASN A 90 -22.79 2.66 7.03
CA ASN A 90 -22.86 1.40 7.81
C ASN A 90 -21.53 1.01 8.46
N SER B 2 4.67 -24.11 15.60
CA SER B 2 5.76 -23.22 15.14
C SER B 2 5.20 -22.16 14.22
N VAL B 3 5.86 -21.02 14.19
CA VAL B 3 5.55 -20.01 13.18
C VAL B 3 5.74 -20.62 11.81
N GLN B 4 5.14 -19.96 10.82
N GLN B 4 5.15 -19.96 10.83
CA GLN B 4 5.17 -20.39 9.43
CA GLN B 4 5.24 -20.40 9.46
C GLN B 4 5.76 -19.28 8.60
C GLN B 4 5.77 -19.28 8.60
N THR B 5 6.72 -19.60 7.72
CA THR B 5 7.37 -18.58 6.92
C THR B 5 7.27 -18.83 5.44
N ALA B 6 7.58 -17.78 4.69
CA ALA B 6 7.64 -17.83 3.23
C ALA B 6 8.75 -16.87 2.81
N ALA B 7 9.51 -17.22 1.79
CA ALA B 7 10.68 -16.40 1.38
C ALA B 7 10.70 -16.23 -0.12
N THR B 8 11.16 -15.05 -0.55
CA THR B 8 11.43 -14.78 -1.94
C THR B 8 12.68 -13.95 -2.06
N SER B 9 13.28 -13.96 -3.25
CA SER B 9 14.49 -13.17 -3.50
C SER B 9 14.52 -12.74 -4.95
N GLY B 11 17.11 -10.58 -8.16
CA GLY B 11 18.41 -10.06 -8.62
C GLY B 11 19.58 -10.89 -8.10
N THR B 12 20.75 -10.30 -8.17
CA THR B 12 22.02 -10.95 -7.82
C THR B 12 22.65 -10.36 -6.56
N VAL B 13 22.09 -9.28 -5.98
CA VAL B 13 22.65 -8.67 -4.79
C VAL B 13 22.71 -9.71 -3.66
N PRO B 14 21.63 -10.45 -3.34
CA PRO B 14 20.24 -10.24 -3.79
C PRO B 14 19.45 -9.36 -2.81
N SER B 15 18.19 -9.06 -3.14
CA SER B 15 17.23 -8.68 -2.12
C SER B 15 16.44 -9.92 -1.73
N ILE B 16 16.11 -10.01 -0.44
CA ILE B 16 15.35 -11.15 0.11
C ILE B 16 14.23 -10.57 0.99
N ARG B 17 13.05 -11.19 0.92
CA ARG B 17 11.95 -10.89 1.85
C ARG B 17 11.49 -12.20 2.46
N VAL B 18 11.33 -12.18 3.79
CA VAL B 18 10.84 -13.34 4.54
C VAL B 18 9.62 -12.89 5.32
N TYR B 19 8.52 -13.61 5.15
CA TYR B 19 7.26 -13.32 5.82
C TYR B 19 7.01 -14.38 6.85
N THR B 20 6.57 -13.96 8.05
CA THR B 20 6.36 -14.89 9.16
C THR B 20 4.99 -14.70 9.76
N ALA B 21 4.22 -15.79 9.84
CA ALA B 21 2.93 -15.81 10.51
C ALA B 21 3.12 -16.30 11.95
N ASN B 22 2.71 -15.46 12.91
N ASN B 22 2.69 -15.48 12.90
CA ASN B 22 2.82 -15.77 14.35
CA ASN B 22 2.82 -15.78 14.34
C ASN B 22 1.67 -15.13 15.08
C ASN B 22 1.66 -15.13 15.08
N ASN B 23 0.95 -15.89 15.93
CA ASN B 23 -0.20 -15.35 16.70
C ASN B 23 -1.23 -14.66 15.82
N GLY B 24 -1.39 -15.18 14.60
CA GLY B 24 -2.41 -14.62 13.72
C GLY B 24 -2.02 -13.39 12.93
N LYS B 25 -0.76 -12.98 13.00
CA LYS B 25 -0.26 -11.82 12.26
C LYS B 25 0.96 -12.19 11.45
N ILE B 26 1.03 -11.63 10.25
CA ILE B 26 2.19 -11.80 9.38
C ILE B 26 3.00 -10.53 9.40
N THR B 27 4.30 -10.67 9.67
CA THR B 27 5.27 -9.62 9.58
C THR B 27 6.33 -9.95 8.56
N GLU B 28 7.12 -8.96 8.21
CA GLU B 28 8.05 -9.02 7.11
C GLU B 28 9.44 -8.62 7.54
N ARG B 29 10.44 -9.36 7.07
CA ARG B 29 11.84 -9.04 7.28
C ARG B 29 12.53 -8.94 5.93
N CYS B 30 13.43 -7.95 5.82
CA CYS B 30 13.95 -7.52 4.55
C CYS B 30 15.46 -7.43 4.57
N ASP B 32 18.43 -6.05 1.74
CA ASP B 32 18.80 -5.47 0.45
C ASP B 32 20.32 -5.33 0.35
N GLY B 33 21.03 -6.18 1.05
CA GLY B 33 22.49 -6.19 0.95
C GLY B 33 23.22 -5.72 2.19
N LYS B 34 22.50 -5.13 3.14
N LYS B 34 22.50 -5.13 3.14
CA LYS B 34 23.13 -4.31 4.21
CA LYS B 34 23.13 -4.31 4.20
C LYS B 34 22.76 -4.72 5.62
C LYS B 34 22.75 -4.71 5.61
N GLY B 35 21.90 -5.70 5.79
CA GLY B 35 21.37 -6.04 7.09
C GLY B 35 19.87 -6.32 7.01
N TYR B 37 16.01 -5.79 8.28
CA TYR B 37 15.12 -4.82 8.89
C TYR B 37 13.67 -5.27 8.75
N THR B 38 12.83 -4.79 9.65
CA THR B 38 11.40 -5.10 9.61
C THR B 38 10.73 -4.21 8.57
N GLY B 39 10.03 -4.86 7.65
CA GLY B 39 9.37 -4.18 6.57
C GLY B 39 8.00 -3.62 6.89
N ALA B 40 7.42 -3.00 5.87
CA ALA B 40 6.13 -2.36 5.97
C ALA B 40 4.97 -3.34 6.04
N PHE B 41 5.13 -4.56 5.56
CA PHE B 41 3.98 -5.48 5.49
C PHE B 41 3.61 -5.98 6.87
N ASN B 42 2.35 -5.78 7.27
CA ASN B 42 1.86 -6.26 8.53
C ASN B 42 0.37 -6.47 8.36
N GLU B 43 -0.05 -7.72 8.21
CA GLU B 43 -1.46 -8.03 7.95
C GLU B 43 -1.84 -9.33 8.62
N PRO B 44 -3.13 -9.59 8.82
CA PRO B 44 -3.51 -10.85 9.45
C PRO B 44 -3.19 -12.07 8.64
N GLY B 45 -2.81 -13.13 9.33
CA GLY B 45 -2.73 -14.46 8.73
C GLY B 45 -2.06 -15.45 9.66
N ASP B 46 -2.43 -16.71 9.46
CA ASP B 46 -1.79 -17.84 10.13
C ASP B 46 -0.88 -18.67 9.25
N ASN B 47 -1.01 -18.51 7.94
CA ASN B 47 -0.20 -19.23 6.95
C ASN B 47 0.13 -18.23 5.87
N VAL B 48 1.27 -18.38 5.24
CA VAL B 48 1.71 -17.45 4.22
C VAL B 48 2.49 -18.18 3.13
N SER B 49 2.27 -17.73 1.88
CA SER B 49 3.15 -18.06 0.76
C SER B 49 3.46 -16.79 -0.01
N VAL B 50 4.48 -16.84 -0.86
CA VAL B 50 4.89 -15.63 -1.59
C VAL B 50 5.47 -16.01 -2.93
N THR B 51 5.35 -15.09 -3.88
CA THR B 51 6.12 -15.14 -5.11
C THR B 51 6.45 -13.71 -5.53
N SER B 52 7.43 -13.56 -6.41
CA SER B 52 7.80 -12.23 -6.91
C SER B 52 8.38 -12.38 -8.30
N LEU B 54 10.42 -9.71 -11.50
CA LEU B 54 11.00 -8.41 -11.92
C LEU B 54 10.45 -8.02 -13.30
N VAL B 55 10.22 -6.73 -13.45
CA VAL B 55 10.04 -6.09 -14.76
C VAL B 55 11.16 -5.05 -14.85
N GLY B 56 12.22 -5.38 -15.61
CA GLY B 56 13.45 -4.59 -15.53
C GLY B 56 14.00 -4.66 -14.12
N SER B 57 14.15 -3.49 -13.49
N SER B 57 14.16 -3.49 -13.51
CA SER B 57 14.65 -3.40 -12.13
CA SER B 57 14.65 -3.37 -12.14
C SER B 57 13.52 -3.27 -11.09
C SER B 57 13.53 -3.25 -11.10
N ALA B 58 12.27 -3.26 -11.55
CA ALA B 58 11.13 -3.09 -10.64
C ALA B 58 10.58 -4.41 -10.14
N ILE B 59 10.55 -4.57 -8.82
CA ILE B 59 10.05 -5.80 -8.21
C ILE B 59 8.53 -5.70 -8.00
N HIS B 60 7.88 -6.84 -8.19
CA HIS B 60 6.46 -7.03 -7.90
C HIS B 60 6.38 -8.24 -7.00
N ILE B 61 5.67 -8.10 -5.87
CA ILE B 61 5.57 -9.15 -4.85
C ILE B 61 4.11 -9.47 -4.62
N ARG B 62 3.81 -10.78 -4.46
CA ARG B 62 2.45 -11.20 -4.08
C ARG B 62 2.58 -12.12 -2.89
N VAL B 63 1.92 -11.75 -1.79
CA VAL B 63 1.87 -12.50 -0.55
C VAL B 63 0.48 -13.05 -0.37
N TYR B 64 0.35 -14.35 -0.16
CA TYR B 64 -0.95 -15.00 0.01
C TYR B 64 -1.08 -15.35 1.50
N ALA B 65 -1.96 -14.61 2.18
CA ALA B 65 -2.13 -14.68 3.65
C ALA B 65 -3.41 -15.44 3.95
N SER B 66 -3.30 -16.57 4.64
N SER B 66 -3.30 -16.57 4.62
CA SER B 66 -4.46 -17.38 4.92
CA SER B 66 -4.50 -17.38 4.90
C SER B 66 -4.72 -17.41 6.40
C SER B 66 -4.86 -17.28 6.38
N THR B 67 -5.97 -17.49 6.74
N THR B 67 -6.14 -16.93 6.57
CA THR B 67 -6.37 -17.80 8.08
CA THR B 67 -6.89 -16.85 7.84
C THR B 67 -7.70 -18.52 7.96
C THR B 67 -7.95 -18.00 7.74
N GLY B 68 -7.84 -19.65 8.64
N GLY B 68 -7.77 -19.14 8.39
CA GLY B 68 -8.93 -20.55 8.34
CA GLY B 68 -8.75 -20.24 8.24
C GLY B 68 -8.86 -20.87 6.86
C GLY B 68 -8.82 -20.76 6.82
N THR B 69 -10.00 -20.78 6.19
CA THR B 69 -10.12 -21.07 4.76
C THR B 69 -10.10 -19.85 3.87
N THR B 70 -9.90 -18.66 4.44
CA THR B 70 -9.90 -17.43 3.66
C THR B 70 -8.44 -17.08 3.34
N THR B 71 -8.16 -16.88 2.07
CA THR B 71 -6.84 -16.43 1.63
C THR B 71 -6.97 -15.08 0.98
N THR B 72 -6.22 -14.10 1.46
CA THR B 72 -6.15 -12.76 0.91
C THR B 72 -4.80 -12.58 0.26
N GLU B 73 -4.79 -12.11 -0.98
CA GLU B 73 -3.56 -11.72 -1.66
C GLU B 73 -3.23 -10.28 -1.34
N CYS B 75 -0.47 -7.19 -2.49
CA CYS B 75 0.31 -6.81 -3.67
C CYS B 75 1.22 -5.65 -3.39
N ASP B 77 3.77 -3.28 -5.76
CA ASP B 77 4.15 -2.94 -7.14
C ASP B 77 4.85 -1.58 -7.16
N GLY B 78 5.59 -1.31 -6.09
N GLY B 78 5.57 -1.24 -6.11
CA GLY B 78 6.44 -0.11 -6.00
CA GLY B 78 6.40 -0.04 -6.12
C GLY B 78 5.94 0.99 -5.09
C GLY B 78 5.91 1.04 -5.20
N ASN B 79 4.74 0.89 -4.53
N ASN B 79 4.74 0.88 -4.60
CA ASN B 79 4.23 2.03 -3.74
CA ASN B 79 4.14 1.93 -3.83
C ASN B 79 3.21 1.75 -2.64
C ASN B 79 3.91 1.36 -2.41
N GLY B 80 3.37 0.65 -1.90
N GLY B 80 2.74 0.86 -2.14
CA GLY B 80 2.43 0.28 -0.84
CA GLY B 80 2.38 0.29 -0.83
C GLY B 80 1.78 -1.08 -1.04
C GLY B 80 1.77 -1.08 -1.04
N THR B 82 -1.49 -3.47 -0.99
CA THR B 82 -2.97 -3.48 -1.09
C THR B 82 -3.46 -4.86 -1.44
N LYS B 83 -4.73 -5.10 -1.10
CA LYS B 83 -5.34 -6.39 -1.36
C LYS B 83 -5.55 -6.58 -2.85
N GLY B 84 -5.15 -7.74 -3.32
CA GLY B 84 -5.32 -8.11 -4.71
C GLY B 84 -6.64 -8.77 -5.01
N ALA B 85 -6.78 -9.14 -6.27
CA ALA B 85 -8.01 -9.69 -6.81
C ALA B 85 -8.16 -11.20 -6.56
N TYR B 86 -7.11 -11.87 -6.09
CA TYR B 86 -7.21 -13.30 -5.82
C TYR B 86 -8.36 -13.65 -4.90
N THR B 87 -9.01 -14.75 -5.23
CA THR B 87 -9.86 -15.45 -4.26
C THR B 87 -9.53 -16.95 -4.43
N ALA B 88 -9.83 -17.72 -3.37
CA ALA B 88 -9.49 -19.16 -3.38
C ALA B 88 -10.39 -19.99 -4.29
N THR B 89 -11.57 -19.48 -4.59
N THR B 89 -11.60 -19.50 -4.57
CA THR B 89 -12.50 -20.20 -5.44
CA THR B 89 -12.56 -20.22 -5.40
C THR B 89 -13.39 -19.21 -6.18
C THR B 89 -13.39 -19.22 -6.18
N ASN B 90 -14.06 -19.72 -7.22
CA ASN B 90 -15.05 -18.90 -7.97
C ASN B 90 -14.49 -17.63 -8.58
#